data_8GTX
#
_entry.id   8GTX
#
_cell.length_a   47.788
_cell.length_b   67.096
_cell.length_c   93.695
_cell.angle_alpha   90.000
_cell.angle_beta   90.000
_cell.angle_gamma   90.000
#
_symmetry.space_group_name_H-M   'P 21 21 21'
#
loop_
_entity.id
_entity.type
_entity.pdbx_description
1 polymer Spindlin-1
2 polymer HBx
3 non-polymer GLYCEROL
4 water water
#
loop_
_entity_poly.entity_id
_entity_poly.type
_entity_poly.pdbx_seq_one_letter_code
_entity_poly.pdbx_strand_id
1 'polypeptide(L)'
;GPLGSRRNIVGCRIQHGWKEGNGPVTQWKGTVLDQVPVNPSLYLIKYDGFDCVYGLELNKDERVSALEVLPDRVATSRIS
DAHLADTMIGKAVEHMFETEDGSKDEWRGMVLARAPVMNTWFYITYEKDPVLYMYQLLDDYKEGDLRIMPDSNDSPPAER
EPGEVVDSLVGKQVEYAKEDGSKRTGMVIHQVEAKPSVYFIKFDDDFHIYVYDLVKTS
;
A
2 'polypeptide(L)' AARMCCKLDPARDVLCLRPI B
#
loop_
_chem_comp.id
_chem_comp.type
_chem_comp.name
_chem_comp.formula
GOL non-polymer GLYCEROL 'C3 H8 O3'
#
# COMPACT_ATOMS: atom_id res chain seq x y z
N GLY A 1 -21.95 -5.93 -17.20
CA GLY A 1 -22.70 -5.28 -16.15
C GLY A 1 -21.96 -4.10 -15.54
N PRO A 2 -22.53 -3.51 -14.50
CA PRO A 2 -21.96 -2.30 -13.92
C PRO A 2 -20.50 -2.46 -13.55
N LEU A 3 -19.72 -1.43 -13.86
CA LEU A 3 -18.28 -1.37 -13.57
C LEU A 3 -17.49 -2.50 -14.21
N GLY A 4 -18.05 -3.13 -15.24
CA GLY A 4 -17.35 -4.17 -15.96
C GLY A 4 -16.66 -3.65 -17.19
N SER A 5 -15.63 -4.38 -17.61
CA SER A 5 -14.97 -4.19 -18.90
C SER A 5 -14.43 -2.77 -18.99
N ARG A 6 -14.84 -1.95 -19.97
CA ARG A 6 -14.29 -0.61 -20.11
C ARG A 6 -14.71 0.32 -18.99
N ARG A 7 -15.65 -0.07 -18.13
CA ARG A 7 -16.05 0.75 -16.99
C ARG A 7 -15.35 0.31 -15.70
N ASN A 8 -14.31 -0.52 -15.81
CA ASN A 8 -13.47 -0.91 -14.66
C ASN A 8 -13.03 0.34 -13.91
N ILE A 9 -13.18 0.29 -12.57
CA ILE A 9 -12.91 1.49 -11.77
C ILE A 9 -11.44 1.76 -11.55
N VAL A 10 -10.56 0.79 -11.83
CA VAL A 10 -9.14 1.07 -11.67
C VAL A 10 -8.73 2.20 -12.61
N GLY A 11 -7.98 3.17 -12.08
CA GLY A 11 -7.58 4.35 -12.81
C GLY A 11 -8.53 5.52 -12.72
N CYS A 12 -9.65 5.37 -12.02
N CYS A 12 -9.62 5.38 -11.97
CA CYS A 12 -10.68 6.39 -11.93
CA CYS A 12 -10.69 6.36 -11.93
C CYS A 12 -10.62 7.13 -10.61
C CYS A 12 -10.72 7.09 -10.59
N ARG A 13 -11.11 8.37 -10.63
CA ARG A 13 -11.43 9.10 -9.40
C ARG A 13 -12.75 8.58 -8.84
N ILE A 14 -12.80 8.45 -7.50
CA ILE A 14 -14.02 8.05 -6.82
C ILE A 14 -14.25 8.98 -5.63
N GLN A 15 -15.47 8.95 -5.11
CA GLN A 15 -15.72 9.54 -3.81
C GLN A 15 -16.82 8.73 -3.13
N HIS A 16 -16.84 8.76 -1.80
CA HIS A 16 -17.84 7.99 -1.07
C HIS A 16 -17.91 8.46 0.37
N GLY A 17 -19.04 8.18 1.00
CA GLY A 17 -19.14 8.36 2.43
C GLY A 17 -18.33 7.32 3.17
N TRP A 18 -17.84 7.70 4.35
CA TRP A 18 -17.10 6.82 5.23
C TRP A 18 -17.65 6.99 6.64
N LYS A 19 -18.00 5.87 7.28
CA LYS A 19 -18.56 5.89 8.63
C LYS A 19 -17.98 4.76 9.46
N GLU A 20 -17.50 5.09 10.66
CA GLU A 20 -17.01 4.12 11.63
C GLU A 20 -17.79 4.28 12.92
N GLY A 21 -18.37 3.19 13.42
CA GLY A 21 -19.12 3.26 14.65
C GLY A 21 -20.32 4.18 14.53
N ASN A 22 -20.53 5.02 15.54
CA ASN A 22 -21.59 6.02 15.51
C ASN A 22 -21.07 7.40 15.10
N GLY A 23 -19.82 7.47 14.65
CA GLY A 23 -19.25 8.70 14.18
C GLY A 23 -20.01 9.20 12.97
N PRO A 24 -19.84 10.48 12.64
CA PRO A 24 -20.53 11.03 11.48
C PRO A 24 -19.95 10.47 10.18
N VAL A 25 -20.77 10.48 9.14
CA VAL A 25 -20.31 10.14 7.81
C VAL A 25 -19.47 11.28 7.27
N THR A 26 -18.26 10.97 6.82
CA THR A 26 -17.39 11.93 6.16
C THR A 26 -17.18 11.50 4.72
N GLN A 27 -16.78 12.45 3.88
CA GLN A 27 -16.53 12.18 2.46
C GLN A 27 -15.05 11.88 2.26
N TRP A 28 -14.76 10.74 1.64
CA TRP A 28 -13.42 10.41 1.18
C TRP A 28 -13.36 10.56 -0.34
N LYS A 29 -12.24 11.12 -0.84
CA LYS A 29 -12.03 11.29 -2.28
C LYS A 29 -10.68 10.68 -2.64
N GLY A 30 -10.62 9.92 -3.72
CA GLY A 30 -9.33 9.37 -4.07
C GLY A 30 -9.27 8.81 -5.47
N THR A 31 -8.15 8.15 -5.75
CA THR A 31 -7.86 7.55 -7.06
C THR A 31 -7.65 6.07 -6.86
N VAL A 32 -8.37 5.24 -7.63
CA VAL A 32 -8.22 3.80 -7.52
C VAL A 32 -6.98 3.37 -8.31
N LEU A 33 -6.03 2.74 -7.62
CA LEU A 33 -4.75 2.38 -8.21
C LEU A 33 -4.73 0.98 -8.81
N ASP A 34 -5.47 0.04 -8.25
CA ASP A 34 -5.23 -1.35 -8.60
C ASP A 34 -6.41 -2.18 -8.10
N GLN A 35 -6.58 -3.34 -8.71
CA GLN A 35 -7.49 -4.38 -8.27
C GLN A 35 -6.67 -5.62 -8.01
N VAL A 36 -6.83 -6.21 -6.83
CA VAL A 36 -5.94 -7.28 -6.40
C VAL A 36 -6.28 -8.58 -7.13
N PRO A 37 -5.36 -9.15 -7.91
CA PRO A 37 -5.73 -10.36 -8.68
C PRO A 37 -6.18 -11.53 -7.81
N VAL A 38 -5.59 -11.75 -6.64
CA VAL A 38 -6.01 -12.87 -5.80
C VAL A 38 -7.26 -12.58 -4.99
N ASN A 39 -7.76 -11.34 -5.01
CA ASN A 39 -9.03 -11.01 -4.37
C ASN A 39 -9.62 -9.84 -5.11
N PRO A 40 -10.37 -10.11 -6.20
CA PRO A 40 -10.83 -9.02 -7.08
C PRO A 40 -11.87 -8.11 -6.45
N SER A 41 -12.40 -8.45 -5.26
CA SER A 41 -13.23 -7.50 -4.54
C SER A 41 -12.40 -6.39 -3.91
N LEU A 42 -11.10 -6.59 -3.80
CA LEU A 42 -10.21 -5.69 -3.06
C LEU A 42 -9.52 -4.72 -4.01
N TYR A 43 -9.68 -3.44 -3.75
CA TYR A 43 -9.02 -2.40 -4.52
C TYR A 43 -8.00 -1.66 -3.65
N LEU A 44 -6.94 -1.18 -4.29
CA LEU A 44 -5.99 -0.29 -3.64
C LEU A 44 -6.28 1.13 -4.09
N ILE A 45 -6.37 2.05 -3.13
CA ILE A 45 -6.81 3.42 -3.37
C ILE A 45 -5.82 4.38 -2.72
N LYS A 46 -5.46 5.45 -3.44
CA LYS A 46 -4.76 6.58 -2.85
C LYS A 46 -5.78 7.68 -2.60
N TYR A 47 -6.11 7.92 -1.34
CA TYR A 47 -7.05 8.97 -0.99
C TYR A 47 -6.33 10.30 -0.80
N ASP A 48 -7.02 11.37 -1.20
CA ASP A 48 -6.49 12.71 -0.98
C ASP A 48 -6.24 12.92 0.51
N GLY A 49 -5.05 13.35 0.85
CA GLY A 49 -4.80 13.66 2.25
C GLY A 49 -4.50 12.49 3.16
N PHE A 50 -4.51 11.25 2.66
CA PHE A 50 -4.02 10.10 3.42
C PHE A 50 -2.72 9.64 2.77
N ASP A 51 -1.64 9.54 3.56
CA ASP A 51 -0.35 9.18 2.98
C ASP A 51 -0.21 7.68 2.75
N CYS A 52 -0.97 6.85 3.46
CA CYS A 52 -0.92 5.40 3.25
C CYS A 52 -1.89 4.98 2.17
N VAL A 53 -1.48 4.01 1.37
CA VAL A 53 -2.38 3.35 0.43
C VAL A 53 -3.34 2.47 1.21
N TYR A 54 -4.64 2.55 0.88
CA TYR A 54 -5.65 1.75 1.57
C TYR A 54 -6.15 0.62 0.68
N GLY A 55 -6.37 -0.54 1.28
CA GLY A 55 -7.05 -1.61 0.58
C GLY A 55 -8.47 -1.72 1.11
N LEU A 56 -9.46 -1.50 0.25
CA LEU A 56 -10.86 -1.62 0.65
C LEU A 56 -11.62 -2.46 -0.37
N GLU A 57 -12.52 -3.32 0.12
CA GLU A 57 -13.50 -3.96 -0.75
C GLU A 57 -14.61 -2.94 -0.96
N LEU A 58 -14.40 -2.07 -1.96
CA LEU A 58 -15.22 -0.87 -2.11
C LEU A 58 -16.71 -1.18 -2.26
N ASN A 59 -17.05 -2.32 -2.83
CA ASN A 59 -18.44 -2.67 -3.07
C ASN A 59 -19.02 -3.55 -1.98
N LYS A 60 -18.24 -3.92 -0.98
CA LYS A 60 -18.72 -4.83 0.07
C LYS A 60 -18.61 -4.27 1.48
N ASP A 61 -17.70 -3.33 1.71
CA ASP A 61 -17.42 -2.82 3.05
C ASP A 61 -18.56 -1.93 3.52
N GLU A 62 -19.19 -2.31 4.64
CA GLU A 62 -20.34 -1.56 5.13
C GLU A 62 -19.97 -0.16 5.60
N ARG A 63 -18.69 0.14 5.82
CA ARG A 63 -18.31 1.50 6.16
C ARG A 63 -18.40 2.42 4.95
N VAL A 64 -18.46 1.86 3.74
CA VAL A 64 -18.49 2.64 2.52
C VAL A 64 -19.94 2.86 2.12
N SER A 65 -20.32 4.10 1.84
CA SER A 65 -21.68 4.39 1.40
C SER A 65 -21.63 5.39 0.26
N ALA A 66 -22.71 5.40 -0.54
CA ALA A 66 -22.87 6.37 -1.63
C ALA A 66 -21.63 6.45 -2.52
N LEU A 67 -21.09 5.28 -2.86
CA LEU A 67 -19.92 5.25 -3.74
C LEU A 67 -20.25 5.83 -5.11
N GLU A 68 -19.41 6.76 -5.57
CA GLU A 68 -19.55 7.39 -6.86
C GLU A 68 -18.27 7.18 -7.67
N VAL A 69 -18.42 6.67 -8.89
CA VAL A 69 -17.31 6.57 -9.83
C VAL A 69 -17.40 7.78 -10.75
N LEU A 70 -16.42 8.66 -10.66
CA LEU A 70 -16.52 9.95 -11.33
C LEU A 70 -16.06 9.83 -12.78
N PRO A 71 -16.52 10.72 -13.67
CA PRO A 71 -16.15 10.62 -15.08
C PRO A 71 -14.76 11.20 -15.33
N ASP A 72 -13.77 10.62 -14.64
CA ASP A 72 -12.47 11.27 -14.50
C ASP A 72 -11.43 10.16 -14.36
N ARG A 73 -10.93 9.67 -15.49
CA ARG A 73 -9.84 8.71 -15.51
C ARG A 73 -8.52 9.48 -15.47
N VAL A 74 -7.69 9.15 -14.49
CA VAL A 74 -6.49 9.93 -14.20
C VAL A 74 -5.47 9.68 -15.30
N ALA A 75 -5.05 10.74 -15.97
CA ALA A 75 -4.08 10.63 -17.04
C ALA A 75 -2.67 10.44 -16.47
N THR A 76 -1.82 9.76 -17.22
CA THR A 76 -0.43 9.67 -16.81
C THR A 76 0.22 11.03 -16.96
N SER A 77 1.18 11.32 -16.09
CA SER A 77 2.00 12.50 -16.20
C SER A 77 3.40 12.09 -16.64
N ARG A 78 4.14 13.05 -17.19
CA ARG A 78 5.52 12.75 -17.59
C ARG A 78 6.42 12.88 -16.37
N ILE A 79 7.26 11.87 -16.16
CA ILE A 79 8.17 11.87 -15.02
C ILE A 79 9.25 12.92 -15.25
N SER A 80 9.61 13.65 -14.19
CA SER A 80 10.54 14.77 -14.35
C SER A 80 11.95 14.29 -14.67
N ASP A 81 12.33 13.11 -14.16
CA ASP A 81 13.68 12.59 -14.34
C ASP A 81 13.57 11.07 -14.38
N ALA A 82 13.53 10.52 -15.60
CA ALA A 82 13.27 9.09 -15.77
C ALA A 82 14.39 8.24 -15.18
N HIS A 83 15.65 8.63 -15.39
CA HIS A 83 16.75 7.81 -14.88
C HIS A 83 16.77 7.82 -13.35
N LEU A 84 16.52 8.98 -12.74
CA LEU A 84 16.50 9.04 -11.28
C LEU A 84 15.35 8.20 -10.74
N ALA A 85 14.18 8.31 -11.37
CA ALA A 85 13.03 7.51 -10.93
C ALA A 85 13.35 6.02 -10.99
N ASP A 86 13.98 5.57 -12.07
CA ASP A 86 14.32 4.16 -12.18
C ASP A 86 15.38 3.75 -11.16
N THR A 87 16.33 4.66 -10.88
CA THR A 87 17.40 4.38 -9.93
C THR A 87 16.88 4.20 -8.50
N MET A 88 15.83 4.92 -8.14
CA MET A 88 15.33 4.83 -6.77
C MET A 88 14.72 3.47 -6.45
N ILE A 89 14.22 2.75 -7.46
CA ILE A 89 13.40 1.57 -7.20
C ILE A 89 14.25 0.49 -6.52
N GLY A 90 13.75 -0.05 -5.42
CA GLY A 90 14.46 -1.08 -4.69
C GLY A 90 15.53 -0.60 -3.73
N LYS A 91 15.82 0.71 -3.69
CA LYS A 91 16.89 1.23 -2.86
C LYS A 91 16.45 1.53 -1.44
N ALA A 92 17.36 1.33 -0.49
CA ALA A 92 17.18 1.90 0.83
C ALA A 92 17.34 3.41 0.76
N VAL A 93 16.54 4.13 1.55
CA VAL A 93 16.56 5.59 1.53
C VAL A 93 16.46 6.11 2.96
N GLU A 94 16.85 7.38 3.11
CA GLU A 94 16.59 8.15 4.31
C GLU A 94 15.70 9.32 3.92
N HIS A 95 14.50 9.35 4.49
CA HIS A 95 13.43 10.25 4.08
C HIS A 95 13.18 11.25 5.21
N MET A 96 13.34 12.54 4.91
CA MET A 96 13.23 13.61 5.91
C MET A 96 11.79 14.07 6.06
N PHE A 97 11.32 14.20 7.31
CA PHE A 97 9.98 14.67 7.61
C PHE A 97 10.06 15.81 8.62
N GLU A 98 9.52 16.97 8.26
CA GLU A 98 9.45 18.11 9.17
C GLU A 98 8.29 17.92 10.15
N THR A 99 8.42 18.53 11.33
CA THR A 99 7.46 18.33 12.40
C THR A 99 6.96 19.67 12.92
N GLU A 100 6.41 19.64 14.14
CA GLU A 100 5.83 20.84 14.76
C GLU A 100 6.89 21.91 14.97
N ASP A 101 7.98 21.56 15.65
CA ASP A 101 9.06 22.49 15.92
C ASP A 101 9.67 23.07 14.66
N GLY A 102 9.44 22.43 13.51
CA GLY A 102 10.32 22.60 12.39
C GLY A 102 11.54 21.71 12.45
N SER A 103 11.70 20.98 13.55
CA SER A 103 12.69 19.90 13.61
C SER A 103 12.39 18.88 12.53
N LYS A 104 13.43 18.40 11.87
CA LYS A 104 13.32 17.49 10.74
C LYS A 104 13.89 16.13 11.13
N ASP A 105 13.07 15.09 11.02
CA ASP A 105 13.45 13.73 11.40
C ASP A 105 13.68 12.87 10.16
N GLU A 106 14.70 12.01 10.22
CA GLU A 106 15.08 11.13 9.10
C GLU A 106 14.55 9.72 9.38
N TRP A 107 13.74 9.20 8.46
CA TRP A 107 13.19 7.85 8.58
C TRP A 107 13.82 6.93 7.54
N ARG A 108 14.32 5.79 7.98
CA ARG A 108 14.90 4.82 7.06
C ARG A 108 13.77 4.04 6.38
N GLY A 109 13.85 3.92 5.06
CA GLY A 109 12.80 3.20 4.33
C GLY A 109 13.34 2.51 3.10
N MET A 110 12.43 1.98 2.28
CA MET A 110 12.78 1.32 1.03
C MET A 110 11.80 1.74 -0.04
N VAL A 111 12.31 2.19 -1.18
CA VAL A 111 11.44 2.51 -2.30
C VAL A 111 11.08 1.22 -3.02
N LEU A 112 9.78 0.97 -3.18
CA LEU A 112 9.30 -0.34 -3.64
C LEU A 112 9.04 -0.39 -5.14
N ALA A 113 8.44 0.65 -5.71
CA ALA A 113 7.92 0.61 -7.06
C ALA A 113 7.39 2.00 -7.40
N ARG A 114 7.26 2.28 -8.69
CA ARG A 114 6.42 3.38 -9.11
C ARG A 114 4.97 2.98 -8.88
N ALA A 115 4.17 3.92 -8.39
CA ALA A 115 2.75 3.62 -8.19
C ALA A 115 2.05 3.48 -9.54
N PRO A 116 1.12 2.54 -9.66
CA PRO A 116 0.28 2.50 -10.86
C PRO A 116 -0.65 3.70 -10.89
N VAL A 117 -1.07 4.06 -12.11
CA VAL A 117 -2.03 5.15 -12.37
C VAL A 117 -1.44 6.51 -12.05
N MET A 118 -1.09 6.75 -10.79
CA MET A 118 -0.45 8.02 -10.40
C MET A 118 1.05 7.82 -10.56
N ASN A 119 1.50 7.92 -11.82
CA ASN A 119 2.82 7.43 -12.18
C ASN A 119 3.97 8.35 -11.79
N THR A 120 3.70 9.54 -11.24
CA THR A 120 4.77 10.33 -10.66
C THR A 120 4.89 10.10 -9.16
N TRP A 121 4.12 9.17 -8.61
CA TRP A 121 4.19 8.80 -7.20
C TRP A 121 4.89 7.45 -7.05
N PHE A 122 5.44 7.22 -5.86
CA PHE A 122 6.22 6.03 -5.56
C PHE A 122 5.66 5.32 -4.33
N TYR A 123 5.62 3.99 -4.41
CA TYR A 123 5.39 3.15 -3.24
C TYR A 123 6.65 3.14 -2.37
N ILE A 124 6.48 3.35 -1.07
CA ILE A 124 7.61 3.34 -0.15
C ILE A 124 7.12 2.82 1.20
N THR A 125 8.00 2.10 1.89
CA THR A 125 7.69 1.64 3.25
C THR A 125 8.87 1.96 4.16
N TYR A 126 8.67 1.83 5.46
CA TYR A 126 9.67 2.27 6.43
C TYR A 126 10.01 1.16 7.41
N GLU A 127 11.27 1.17 7.87
CA GLU A 127 11.72 0.17 8.84
C GLU A 127 10.90 0.23 10.12
N LYS A 128 10.59 1.43 10.59
CA LYS A 128 9.82 1.59 11.83
C LYS A 128 8.32 1.55 11.61
N ASP A 129 7.84 1.69 10.38
CA ASP A 129 6.40 1.72 10.10
C ASP A 129 6.17 0.94 8.82
N PRO A 130 6.05 -0.37 8.91
CA PRO A 130 6.10 -1.25 7.72
C PRO A 130 4.74 -1.40 7.03
N VAL A 131 4.15 -0.28 6.65
CA VAL A 131 2.98 -0.31 5.79
C VAL A 131 3.30 0.49 4.54
N LEU A 132 2.35 0.52 3.61
CA LEU A 132 2.60 1.06 2.27
C LEU A 132 2.24 2.54 2.25
N TYR A 133 3.23 3.38 1.99
CA TYR A 133 3.06 4.81 1.82
C TYR A 133 3.25 5.18 0.35
N MET A 134 2.82 6.39 0.01
CA MET A 134 2.89 6.85 -1.37
C MET A 134 3.26 8.32 -1.38
N TYR A 135 4.37 8.67 -2.03
CA TYR A 135 4.83 10.05 -2.08
C TYR A 135 5.43 10.35 -3.44
N GLN A 136 5.41 11.63 -3.81
CA GLN A 136 6.11 12.11 -5.01
C GLN A 136 7.59 12.30 -4.67
N LEU A 137 8.31 11.18 -4.70
CA LEU A 137 9.66 11.16 -4.16
C LEU A 137 10.65 11.99 -4.97
N LEU A 138 10.37 12.25 -6.25
CA LEU A 138 11.29 13.10 -7.00
C LEU A 138 11.24 14.54 -6.48
N ASP A 139 10.05 15.00 -6.06
CA ASP A 139 9.94 16.31 -5.42
C ASP A 139 10.73 16.34 -4.12
N ASP A 140 10.52 15.35 -3.24
CA ASP A 140 11.27 15.29 -2.00
C ASP A 140 12.77 15.26 -2.26
N TYR A 141 13.20 14.48 -3.24
CA TYR A 141 14.63 14.42 -3.58
C TYR A 141 15.13 15.80 -3.98
N LYS A 142 14.38 16.48 -4.87
CA LYS A 142 14.78 17.80 -5.34
C LYS A 142 14.92 18.80 -4.20
N GLU A 143 14.09 18.67 -3.16
CA GLU A 143 14.12 19.58 -2.04
C GLU A 143 15.15 19.21 -0.98
N GLY A 144 15.95 18.17 -1.22
CA GLY A 144 16.95 17.76 -0.26
C GLY A 144 16.42 16.90 0.87
N ASP A 145 15.23 16.33 0.73
CA ASP A 145 14.59 15.58 1.81
C ASP A 145 14.65 14.07 1.60
N LEU A 146 15.46 13.60 0.66
CA LEU A 146 15.56 12.17 0.40
C LEU A 146 16.98 11.82 -0.01
N ARG A 147 17.60 10.92 0.75
CA ARG A 147 18.94 10.41 0.44
C ARG A 147 18.83 8.96 0.00
N ILE A 148 19.45 8.63 -1.13
CA ILE A 148 19.45 7.27 -1.64
C ILE A 148 20.69 6.56 -1.10
N MET A 149 20.50 5.41 -0.45
CA MET A 149 21.61 4.71 0.16
C MET A 149 22.34 3.85 -0.86
N PRO A 150 23.67 3.69 -0.71
CA PRO A 150 24.48 2.84 -1.59
C PRO A 150 24.11 1.36 -1.52
N SER A 168 4.14 -19.91 -5.28
CA SER A 168 4.09 -18.48 -5.02
C SER A 168 3.38 -18.18 -3.71
N LEU A 169 3.97 -17.30 -2.90
CA LEU A 169 3.31 -16.92 -1.67
C LEU A 169 2.10 -16.02 -1.92
N VAL A 170 2.04 -15.33 -3.07
CA VAL A 170 0.90 -14.46 -3.33
C VAL A 170 -0.38 -15.31 -3.43
N GLY A 171 -1.40 -14.91 -2.68
CA GLY A 171 -2.64 -15.67 -2.58
C GLY A 171 -2.74 -16.54 -1.34
N LYS A 172 -1.64 -16.76 -0.62
CA LYS A 172 -1.68 -17.59 0.57
C LYS A 172 -2.33 -16.86 1.73
N GLN A 173 -3.08 -17.61 2.54
CA GLN A 173 -3.54 -17.10 3.82
C GLN A 173 -2.37 -16.96 4.78
N VAL A 174 -2.41 -15.93 5.62
CA VAL A 174 -1.40 -15.74 6.64
C VAL A 174 -2.07 -15.70 8.00
N GLU A 175 -1.28 -16.02 9.02
CA GLU A 175 -1.69 -15.90 10.42
C GLU A 175 -0.51 -15.29 11.16
N TYR A 176 -0.69 -14.08 11.69
CA TYR A 176 0.34 -13.44 12.52
C TYR A 176 0.08 -13.76 13.98
N ALA A 177 1.15 -14.16 14.69
CA ALA A 177 1.02 -14.60 16.08
C ALA A 177 1.00 -13.39 17.01
N LYS A 178 -0.20 -12.96 17.42
CA LYS A 178 -0.29 -11.83 18.34
C LYS A 178 0.17 -12.24 19.73
N GLU A 179 0.59 -11.24 20.51
CA GLU A 179 1.15 -11.52 21.83
C GLU A 179 0.12 -12.16 22.76
N ASP A 180 -1.16 -11.84 22.57
CA ASP A 180 -2.20 -12.38 23.45
C ASP A 180 -2.53 -13.83 23.13
N GLY A 181 -1.85 -14.45 22.17
CA GLY A 181 -2.09 -15.83 21.81
C GLY A 181 -3.03 -16.03 20.63
N SER A 182 -3.70 -14.97 20.17
CA SER A 182 -4.59 -15.10 19.04
C SER A 182 -3.80 -14.96 17.74
N LYS A 183 -4.44 -15.33 16.62
CA LYS A 183 -3.81 -15.27 15.31
C LYS A 183 -4.54 -14.27 14.43
N ARG A 184 -3.81 -13.31 13.87
CA ARG A 184 -4.39 -12.29 13.02
C ARG A 184 -4.37 -12.79 11.58
N THR A 185 -5.55 -12.94 10.98
CA THR A 185 -5.63 -13.55 9.66
C THR A 185 -5.53 -12.52 8.56
N GLY A 186 -5.02 -12.96 7.42
CA GLY A 186 -4.83 -12.07 6.29
C GLY A 186 -4.42 -12.86 5.07
N MET A 187 -4.00 -12.13 4.03
CA MET A 187 -3.61 -12.76 2.78
C MET A 187 -2.44 -12.01 2.19
N VAL A 188 -1.51 -12.76 1.58
CA VAL A 188 -0.45 -12.16 0.76
C VAL A 188 -1.06 -11.71 -0.56
N ILE A 189 -0.91 -10.43 -0.89
CA ILE A 189 -1.59 -9.89 -2.08
C ILE A 189 -0.65 -9.45 -3.18
N HIS A 190 0.65 -9.33 -2.91
CA HIS A 190 1.56 -8.82 -3.93
C HIS A 190 2.99 -9.21 -3.59
N GLN A 191 3.78 -9.46 -4.62
CA GLN A 191 5.22 -9.69 -4.49
C GLN A 191 5.92 -8.53 -5.18
N VAL A 192 6.85 -7.89 -4.47
CA VAL A 192 7.51 -6.70 -5.01
C VAL A 192 8.48 -7.13 -6.10
N GLU A 193 8.25 -6.66 -7.33
CA GLU A 193 9.05 -7.11 -8.47
C GLU A 193 10.53 -6.80 -8.27
N ALA A 194 10.85 -5.61 -7.75
CA ALA A 194 12.24 -5.20 -7.61
C ALA A 194 12.94 -5.91 -6.46
N LYS A 195 12.20 -6.45 -5.48
CA LYS A 195 12.80 -7.17 -4.37
C LYS A 195 11.86 -8.29 -3.98
N PRO A 196 11.97 -9.45 -4.66
CA PRO A 196 10.90 -10.46 -4.59
C PRO A 196 10.82 -11.22 -3.28
N SER A 197 11.71 -10.97 -2.32
CA SER A 197 11.46 -11.51 -0.98
C SER A 197 10.52 -10.63 -0.18
N VAL A 198 10.15 -9.46 -0.70
CA VAL A 198 9.26 -8.52 -0.02
C VAL A 198 7.86 -8.66 -0.59
N TYR A 199 6.87 -8.74 0.31
CA TYR A 199 5.48 -8.97 -0.04
C TYR A 199 4.58 -7.93 0.62
N PHE A 200 3.45 -7.67 -0.03
CA PHE A 200 2.35 -6.90 0.54
C PHE A 200 1.38 -7.88 1.21
N ILE A 201 0.98 -7.58 2.45
CA ILE A 201 0.06 -8.42 3.20
C ILE A 201 -1.12 -7.56 3.63
N LYS A 202 -2.32 -8.08 3.42
CA LYS A 202 -3.55 -7.41 3.83
C LYS A 202 -4.19 -8.23 4.94
N PHE A 203 -4.26 -7.67 6.14
CA PHE A 203 -4.98 -8.37 7.20
C PHE A 203 -6.47 -8.13 7.06
N ASP A 204 -7.27 -9.14 7.42
CA ASP A 204 -8.71 -9.03 7.23
C ASP A 204 -9.29 -7.84 7.98
N ASP A 205 -8.71 -7.48 9.12
CA ASP A 205 -9.35 -6.48 9.97
C ASP A 205 -8.87 -5.07 9.72
N ASP A 206 -8.06 -4.82 8.69
CA ASP A 206 -7.64 -3.43 8.55
C ASP A 206 -7.29 -3.12 7.10
N PHE A 207 -7.30 -1.82 6.78
CA PHE A 207 -7.14 -1.38 5.41
C PHE A 207 -5.72 -0.91 5.08
N HIS A 208 -4.80 -0.88 6.04
CA HIS A 208 -3.42 -0.62 5.65
C HIS A 208 -2.86 -1.84 4.92
N ILE A 209 -1.89 -1.60 4.05
CA ILE A 209 -1.19 -2.67 3.35
C ILE A 209 0.16 -2.84 4.02
N TYR A 210 0.39 -3.99 4.64
CA TYR A 210 1.67 -4.25 5.31
C TYR A 210 2.69 -4.74 4.30
N VAL A 211 3.96 -4.39 4.54
CA VAL A 211 5.04 -4.66 3.61
C VAL A 211 6.17 -5.32 4.40
N TYR A 212 6.43 -6.59 4.12
CA TYR A 212 7.44 -7.32 4.88
C TYR A 212 8.35 -8.14 3.99
N ASP A 213 9.64 -8.09 4.34
CA ASP A 213 10.64 -9.03 3.84
C ASP A 213 10.45 -10.33 4.62
N LEU A 214 9.91 -11.36 3.97
CA LEU A 214 9.56 -12.60 4.64
C LEU A 214 10.78 -13.51 4.70
N VAL A 215 11.23 -13.79 5.92
CA VAL A 215 12.43 -14.60 6.16
C VAL A 215 11.97 -16.03 6.43
N LYS A 216 12.34 -16.95 5.54
CA LYS A 216 11.89 -18.33 5.68
C LYS A 216 12.43 -18.94 6.97
N THR A 217 11.60 -19.74 7.61
CA THR A 217 11.89 -20.28 8.94
C THR A 217 11.27 -21.65 9.12
N ALA B 1 10.80 -3.55 3.74
CA ALA B 1 12.15 -3.68 4.25
C ALA B 1 12.16 -4.27 5.66
N ALA B 2 11.16 -3.95 6.49
CA ALA B 2 11.06 -4.63 7.79
C ALA B 2 10.89 -6.12 7.57
N ARG B 3 11.44 -6.92 8.48
CA ARG B 3 11.49 -8.37 8.34
C ARG B 3 10.45 -9.05 9.22
N MET B 4 10.04 -10.24 8.80
CA MET B 4 9.06 -11.03 9.52
C MET B 4 9.40 -12.49 9.25
N CYS B 5 9.42 -13.31 10.30
CA CYS B 5 9.65 -14.74 10.10
C CYS B 5 8.40 -15.37 9.50
N CYS B 6 8.61 -16.32 8.60
CA CYS B 6 7.52 -16.91 7.82
C CYS B 6 7.78 -18.40 7.70
N LYS B 7 6.82 -19.21 8.15
CA LYS B 7 6.90 -20.66 8.00
C LYS B 7 5.58 -21.17 7.45
N LEU B 8 5.64 -21.87 6.32
CA LEU B 8 4.43 -22.47 5.77
C LEU B 8 4.01 -23.65 6.64
N ASP B 9 2.74 -23.66 7.02
CA ASP B 9 2.15 -24.82 7.67
C ASP B 9 1.53 -25.67 6.56
N PRO B 10 2.13 -26.79 6.18
CA PRO B 10 1.62 -27.52 5.01
C PRO B 10 0.30 -28.22 5.27
N ALA B 11 -0.01 -28.56 6.52
CA ALA B 11 -1.26 -29.26 6.80
C ALA B 11 -2.46 -28.34 6.70
N ARG B 12 -2.31 -27.08 7.14
CA ARG B 12 -3.39 -26.11 7.06
C ARG B 12 -3.27 -25.17 5.86
N ASP B 13 -2.16 -25.22 5.13
CA ASP B 13 -1.93 -24.33 3.99
C ASP B 13 -2.01 -22.86 4.41
N VAL B 14 -1.25 -22.53 5.46
CA VAL B 14 -1.25 -21.19 6.03
C VAL B 14 0.20 -20.76 6.23
N LEU B 15 0.49 -19.49 5.95
CA LEU B 15 1.79 -18.92 6.25
C LEU B 15 1.76 -18.36 7.68
N CYS B 16 2.53 -18.97 8.58
CA CYS B 16 2.58 -18.52 9.96
C CYS B 16 3.66 -17.45 10.11
N LEU B 17 3.26 -16.27 10.56
CA LEU B 17 4.15 -15.12 10.68
C LEU B 17 4.42 -14.83 12.15
N ARG B 18 5.66 -14.50 12.47
CA ARG B 18 6.03 -14.10 13.82
C ARG B 18 7.25 -13.19 13.74
N PRO B 19 7.45 -12.33 14.73
CA PRO B 19 8.57 -11.39 14.65
C PRO B 19 9.91 -12.08 14.84
N ILE B 20 10.96 -11.41 14.36
CA ILE B 20 12.32 -11.88 14.49
C ILE B 20 12.72 -11.86 15.96
C1 GOL C . 13.21 7.84 12.47
O1 GOL C . 14.36 7.03 12.59
C2 GOL C . 12.94 8.52 13.82
O2 GOL C . 11.60 8.45 14.13
C3 GOL C . 13.40 9.98 13.66
O3 GOL C . 12.75 10.70 14.69
C1 GOL D . 7.03 13.63 2.34
O1 GOL D . 6.63 14.43 1.27
C2 GOL D . 7.72 14.57 3.35
O2 GOL D . 6.91 15.66 3.66
C3 GOL D . 9.04 15.01 2.68
O3 GOL D . 9.62 15.91 3.57
#